data_9L51
#
_entry.id   9L51
#
_cell.length_a   81.443
_cell.length_b   84.993
_cell.length_c   104.631
_cell.angle_alpha   90.00
_cell.angle_beta   90.00
_cell.angle_gamma   90.00
#
_symmetry.space_group_name_H-M   'P 21 21 21'
#
loop_
_entity.id
_entity.type
_entity.pdbx_description
1 polymer 'ring expansion oxygenase SpoC'
2 non-polymer 'FE (III) ION'
3 non-polymer 'CHLORIDE ION'
4 water water
#
_entity_poly.entity_id   1
_entity_poly.type   'polypeptide(L)'
_entity_poly.pdbx_seq_one_letter_code
;MGSSHHHHHHSSGLVPRGSHMASMTGGQQMGRGSEFELMPGLDLEPPKTIPIVDISAFIDDNASAQAKDDVVKAMSHACS
TYGFFYLVGHGIPEVDRQQVLDCARLFASLPMDEKMGISVSKCMGQSFRGYEPPALQLHQEGLLPDTKEAFIFGREVPAD
HPDAGRFSTGPNQWPSSLPDSEFRIPLLKYQEKMVELVKVILKILARGLPKEWNCPPDVFDAATVEPSIPMRLLHYAPQS
EENKKQFGVGDHTDFGNVSVLLQEEGTVGLEVWYPPTETWIPVPVISGSYVINMGDMMQKWTAGFYRSARHRVVNHNKKS
RYSAPFFLNGNIDLKCKALDGSGVETVIGEHIRQRLFETIGGEAGKKLGKTEAK
;
_entity_poly.pdbx_strand_id   A,B
#
# COMPACT_ATOMS: atom_id res chain seq x y z
N PRO A 46 17.87 -11.82 -8.79
CA PRO A 46 17.00 -10.96 -9.60
C PRO A 46 15.73 -10.51 -8.88
N PRO A 47 15.63 -9.21 -8.60
CA PRO A 47 14.50 -8.72 -7.80
C PRO A 47 13.17 -8.90 -8.54
N LYS A 48 12.11 -9.07 -7.74
CA LYS A 48 10.80 -9.29 -8.30
C LYS A 48 9.91 -8.05 -8.22
N THR A 49 10.27 -7.11 -7.34
CA THR A 49 9.48 -5.91 -7.12
C THR A 49 10.42 -4.76 -6.78
N ILE A 50 9.93 -3.53 -6.97
CA ILE A 50 10.57 -2.36 -6.40
C ILE A 50 10.08 -2.21 -4.97
N PRO A 51 10.84 -1.57 -4.07
CA PRO A 51 10.44 -1.51 -2.66
C PRO A 51 9.31 -0.53 -2.43
N ILE A 52 8.73 -0.59 -1.23
CA ILE A 52 7.65 0.33 -0.86
C ILE A 52 8.08 1.14 0.36
N VAL A 53 7.77 2.44 0.35
CA VAL A 53 8.13 3.35 1.43
C VAL A 53 6.86 4.02 1.96
N ASP A 54 6.62 3.87 3.26
CA ASP A 54 5.51 4.55 3.91
C ASP A 54 6.06 5.82 4.56
N ILE A 55 5.62 6.98 4.09
CA ILE A 55 6.16 8.25 4.58
C ILE A 55 5.25 8.87 5.65
N SER A 56 4.36 8.08 6.25
CA SER A 56 3.44 8.61 7.27
C SER A 56 4.19 9.31 8.40
N ALA A 57 5.29 8.70 8.86
CA ALA A 57 6.05 9.30 9.96
C ALA A 57 6.52 10.70 9.64
N PHE A 58 6.58 11.06 8.35
CA PHE A 58 7.01 12.39 7.94
C PHE A 58 5.83 13.34 7.68
N ILE A 59 4.62 12.81 7.50
CA ILE A 59 3.43 13.64 7.35
C ILE A 59 2.77 13.95 8.69
N ASP A 60 3.26 13.35 9.79
CA ASP A 60 2.75 13.59 11.14
C ASP A 60 3.92 14.01 12.03
N ASP A 61 3.72 15.08 12.82
CA ASP A 61 4.77 15.62 13.65
C ASP A 61 4.93 14.91 14.99
N ASN A 62 4.15 13.87 15.27
CA ASN A 62 4.22 13.14 16.52
C ASN A 62 4.78 11.73 16.38
N ALA A 63 5.43 11.43 15.25
CA ALA A 63 6.03 10.13 15.08
C ALA A 63 7.41 10.10 15.74
N SER A 64 7.85 8.90 16.11
CA SER A 64 9.13 8.78 16.81
C SER A 64 10.29 9.12 15.87
N ALA A 65 11.41 9.49 16.49
CA ALA A 65 12.61 9.74 15.69
C ALA A 65 13.02 8.47 14.95
N GLN A 66 12.86 7.31 15.60
CA GLN A 66 13.16 6.04 14.94
C GLN A 66 12.30 5.81 13.71
N ALA A 67 10.99 6.09 13.79
CA ALA A 67 10.12 5.82 12.65
C ALA A 67 10.45 6.74 11.48
N LYS A 68 10.73 8.01 11.78
CA LYS A 68 11.16 8.95 10.75
C LYS A 68 12.46 8.49 10.11
N ASP A 69 13.39 8.02 10.93
CA ASP A 69 14.68 7.56 10.45
C ASP A 69 14.52 6.29 9.59
N ASP A 70 13.59 5.42 9.98
CA ASP A 70 13.24 4.25 9.17
C ASP A 70 12.79 4.67 7.79
N VAL A 71 11.94 5.70 7.70
CA VAL A 71 11.50 6.18 6.39
C VAL A 71 12.70 6.68 5.59
N VAL A 72 13.58 7.46 6.22
CA VAL A 72 14.75 8.01 5.52
C VAL A 72 15.62 6.90 4.95
N LYS A 73 15.94 5.89 5.78
CA LYS A 73 16.79 4.80 5.29
C LYS A 73 16.10 4.00 4.19
N ALA A 74 14.80 3.72 4.33
CA ALA A 74 14.13 2.94 3.30
C ALA A 74 14.14 3.66 1.96
N MET A 75 13.81 4.96 1.97
CA MET A 75 13.77 5.70 0.71
C MET A 75 15.16 5.87 0.13
N SER A 76 16.17 6.11 0.98
CA SER A 76 17.54 6.24 0.47
C SER A 76 18.00 4.96 -0.21
N HIS A 77 17.75 3.81 0.42
CA HIS A 77 18.15 2.55 -0.19
C HIS A 77 17.41 2.31 -1.50
N ALA A 78 16.10 2.60 -1.53
CA ALA A 78 15.33 2.41 -2.76
C ALA A 78 15.89 3.26 -3.89
N CYS A 79 16.18 4.53 -3.62
CA CYS A 79 16.57 5.43 -4.69
C CYS A 79 18.02 5.25 -5.11
N SER A 80 18.87 4.75 -4.21
CA SER A 80 20.25 4.46 -4.58
C SER A 80 20.42 3.09 -5.19
N THR A 81 19.46 2.19 -5.03
CA THR A 81 19.52 0.87 -5.65
C THR A 81 18.70 0.80 -6.93
N TYR A 82 17.39 1.03 -6.83
CA TYR A 82 16.48 0.85 -7.95
C TYR A 82 16.13 2.14 -8.69
N GLY A 83 16.25 3.30 -8.03
CA GLY A 83 15.77 4.53 -8.61
C GLY A 83 14.25 4.68 -8.60
N PHE A 84 13.52 3.70 -8.07
CA PHE A 84 12.07 3.62 -8.10
C PHE A 84 11.59 3.10 -6.75
N PHE A 85 10.40 3.55 -6.33
CA PHE A 85 9.74 2.91 -5.19
C PHE A 85 8.26 3.28 -5.17
N TYR A 86 7.48 2.40 -4.54
CA TYR A 86 6.10 2.75 -4.21
C TYR A 86 6.09 3.64 -2.98
N LEU A 87 5.26 4.67 -3.01
CA LEU A 87 5.09 5.57 -1.89
C LEU A 87 3.65 5.47 -1.44
N VAL A 88 3.47 5.20 -0.14
CA VAL A 88 2.18 5.26 0.53
C VAL A 88 2.30 6.18 1.73
N GLY A 89 1.16 6.54 2.31
CA GLY A 89 1.12 7.43 3.45
C GLY A 89 1.22 8.90 3.12
N HIS A 90 0.99 9.26 1.85
CA HIS A 90 1.14 10.64 1.40
C HIS A 90 0.04 11.56 1.93
N GLY A 91 -1.10 10.99 2.32
CA GLY A 91 -2.22 11.78 2.81
C GLY A 91 -3.08 12.45 1.76
N ILE A 92 -2.83 12.19 0.47
CA ILE A 92 -3.69 12.76 -0.56
C ILE A 92 -4.94 11.90 -0.66
N PRO A 93 -6.13 12.50 -0.49
CA PRO A 93 -7.36 11.70 -0.39
C PRO A 93 -7.58 10.85 -1.62
N GLU A 94 -8.11 9.65 -1.41
CA GLU A 94 -8.38 8.78 -2.56
C GLU A 94 -9.41 9.39 -3.51
N VAL A 95 -10.37 10.18 -2.98
CA VAL A 95 -11.35 10.83 -3.86
C VAL A 95 -10.65 11.78 -4.82
N ASP A 96 -9.58 12.44 -4.38
CA ASP A 96 -8.84 13.38 -5.22
C ASP A 96 -8.10 12.64 -6.33
N ARG A 97 -7.46 11.51 -6.00
CA ARG A 97 -6.78 10.70 -7.00
C ARG A 97 -7.75 10.17 -8.04
N GLN A 98 -8.90 9.67 -7.59
CA GLN A 98 -9.93 9.19 -8.50
C GLN A 98 -10.48 10.35 -9.35
N GLN A 99 -10.60 11.55 -8.78
CA GLN A 99 -11.04 12.69 -9.57
C GLN A 99 -10.04 13.03 -10.66
N VAL A 100 -8.75 12.96 -10.35
CA VAL A 100 -7.73 13.20 -11.38
C VAL A 100 -7.87 12.20 -12.52
N LEU A 101 -8.08 10.93 -12.20
CA LEU A 101 -8.26 9.97 -13.29
C LEU A 101 -9.55 10.23 -14.06
N ASP A 102 -10.60 10.68 -13.38
CA ASP A 102 -11.81 11.06 -14.11
C ASP A 102 -11.56 12.25 -15.02
N CYS A 103 -10.69 13.19 -14.62
CA CYS A 103 -10.35 14.31 -15.50
C CYS A 103 -9.65 13.81 -16.75
N ALA A 104 -8.72 12.86 -16.59
CA ALA A 104 -8.09 12.24 -17.75
C ALA A 104 -9.15 11.66 -18.70
N ARG A 105 -10.10 10.89 -18.14
CA ARG A 105 -11.15 10.30 -18.97
C ARG A 105 -12.02 11.37 -19.62
N LEU A 106 -12.35 12.43 -18.86
CA LEU A 106 -13.18 13.52 -19.39
C LEU A 106 -12.51 14.21 -20.56
N PHE A 107 -11.25 14.59 -20.40
CA PHE A 107 -10.52 15.21 -21.49
C PHE A 107 -10.47 14.30 -22.72
N ALA A 108 -10.14 13.02 -22.50
CA ALA A 108 -10.02 12.10 -23.63
C ALA A 108 -11.32 11.98 -24.40
N SER A 109 -12.47 12.18 -23.75
CA SER A 109 -13.77 12.05 -24.40
C SER A 109 -14.13 13.23 -25.29
N LEU A 110 -13.33 14.30 -25.29
CA LEU A 110 -13.58 15.40 -26.20
C LEU A 110 -13.30 14.96 -27.64
N PRO A 111 -14.01 15.52 -28.60
CA PRO A 111 -13.71 15.21 -30.01
C PRO A 111 -12.34 15.71 -30.42
N MET A 112 -11.76 15.02 -31.42
CA MET A 112 -10.42 15.34 -31.93
C MET A 112 -10.29 16.82 -32.26
N ASP A 113 -11.30 17.41 -32.91
CA ASP A 113 -11.19 18.79 -33.34
C ASP A 113 -11.03 19.74 -32.15
N GLU A 114 -11.76 19.49 -31.07
CA GLU A 114 -11.64 20.36 -29.90
C GLU A 114 -10.30 20.16 -29.18
N LYS A 115 -9.82 18.92 -29.08
CA LYS A 115 -8.51 18.71 -28.49
C LYS A 115 -7.41 19.33 -29.33
N MET A 116 -7.51 19.25 -30.67
CA MET A 116 -6.49 19.92 -31.49
C MET A 116 -6.58 21.44 -31.42
N GLY A 117 -7.75 21.99 -31.11
CA GLY A 117 -7.82 23.40 -30.81
C GLY A 117 -6.82 23.92 -29.78
N ILE A 118 -6.33 23.03 -28.90
CA ILE A 118 -5.30 23.41 -27.93
C ILE A 118 -4.09 22.48 -28.06
N SER A 119 -3.76 22.13 -29.31
CA SER A 119 -2.55 21.37 -29.60
C SER A 119 -1.32 22.03 -28.99
N VAL A 120 -0.36 21.22 -28.53
CA VAL A 120 0.90 21.76 -28.03
C VAL A 120 1.60 22.61 -29.08
N SER A 121 1.32 22.36 -30.37
CA SER A 121 1.81 23.23 -31.44
C SER A 121 1.44 24.68 -31.21
N LYS A 122 0.30 24.92 -30.57
CA LYS A 122 -0.22 26.27 -30.37
C LYS A 122 0.20 26.91 -29.05
N CYS A 123 1.03 26.24 -28.25
CA CYS A 123 1.41 26.83 -26.97
C CYS A 123 2.42 27.97 -27.18
N MET A 124 2.66 28.73 -26.11
CA MET A 124 3.59 29.87 -26.16
C MET A 124 5.02 29.37 -26.10
N GLY A 125 5.81 29.71 -27.11
CA GLY A 125 7.24 29.42 -27.07
C GLY A 125 7.54 27.96 -26.81
N GLN A 126 8.43 27.72 -25.85
CA GLN A 126 8.78 26.35 -25.45
C GLN A 126 8.06 25.91 -24.18
N SER A 127 6.88 26.47 -23.90
CA SER A 127 6.19 26.12 -22.66
C SER A 127 5.69 24.68 -22.68
N PHE A 128 5.42 24.14 -23.87
CA PHE A 128 4.91 22.78 -24.08
CA PHE A 128 4.93 22.77 -24.06
C PHE A 128 3.68 22.50 -23.21
N ARG A 129 2.60 23.19 -23.53
CA ARG A 129 1.34 23.04 -22.83
C ARG A 129 0.22 22.73 -23.82
N GLY A 130 -0.71 21.85 -23.42
CA GLY A 130 -1.91 21.60 -24.19
C GLY A 130 -2.04 20.13 -24.56
N TYR A 131 -2.47 19.88 -25.80
CA TYR A 131 -2.85 18.56 -26.25
C TYR A 131 -1.74 17.92 -27.09
N GLU A 132 -1.32 16.73 -26.68
CA GLU A 132 -0.34 15.91 -27.40
C GLU A 132 -1.12 14.87 -28.18
N PRO A 133 -1.22 14.98 -29.50
CA PRO A 133 -2.10 14.08 -30.27
C PRO A 133 -1.48 12.71 -30.45
N PRO A 134 -2.29 11.72 -30.82
CA PRO A 134 -1.74 10.40 -31.09
C PRO A 134 -0.94 10.41 -32.39
N ALA A 135 -0.06 9.42 -32.51
CA ALA A 135 0.77 9.31 -33.71
C ALA A 135 -0.05 9.07 -34.97
N LEU A 136 -1.19 8.38 -34.85
CA LEU A 136 -2.09 8.17 -35.98
C LEU A 136 -3.52 8.34 -35.53
N GLN A 137 -4.36 8.81 -36.45
CA GLN A 137 -5.76 9.00 -36.11
C GLN A 137 -6.59 9.00 -37.39
N LEU A 138 -7.83 8.53 -37.27
CA LEU A 138 -8.75 8.47 -38.40
C LEU A 138 -10.13 9.00 -38.05
N HIS A 139 -10.50 8.94 -36.77
CA HIS A 139 -11.83 9.35 -36.36
C HIS A 139 -11.76 10.45 -35.30
N GLN A 140 -12.90 11.12 -35.12
CA GLN A 140 -13.00 12.20 -34.15
C GLN A 140 -13.09 11.65 -32.72
N GLU A 141 -13.63 10.45 -32.57
CA GLU A 141 -13.91 9.84 -31.29
C GLU A 141 -12.86 8.78 -30.98
N GLY A 142 -12.41 8.75 -29.73
CA GLY A 142 -11.48 7.73 -29.25
C GLY A 142 -10.16 7.70 -30.00
N LEU A 143 -9.42 6.63 -29.73
CA LEU A 143 -8.09 6.40 -30.29
C LEU A 143 -8.04 5.10 -31.08
N LEU A 144 -7.14 5.03 -32.06
CA LEU A 144 -6.79 3.78 -32.69
C LEU A 144 -5.94 2.93 -31.74
N PRO A 145 -6.09 1.61 -31.78
CA PRO A 145 -5.28 0.76 -30.89
C PRO A 145 -3.79 1.04 -31.04
N ASP A 146 -3.07 0.90 -29.94
CA ASP A 146 -1.62 1.05 -29.83
C ASP A 146 -1.16 2.50 -29.91
N THR A 147 -2.06 3.46 -29.86
CA THR A 147 -1.68 4.87 -29.77
C THR A 147 -2.04 5.42 -28.39
N LYS A 148 -1.64 6.67 -28.16
CA LYS A 148 -1.91 7.35 -26.90
C LYS A 148 -2.12 8.83 -27.15
N GLU A 149 -2.66 9.53 -26.15
CA GLU A 149 -2.84 10.96 -26.22
C GLU A 149 -2.67 11.54 -24.82
N ALA A 150 -2.42 12.84 -24.75
CA ALA A 150 -2.23 13.40 -23.41
C ALA A 150 -2.66 14.87 -23.38
N PHE A 151 -3.06 15.29 -22.20
CA PHE A 151 -3.17 16.70 -21.85
C PHE A 151 -2.03 17.05 -20.91
N ILE A 152 -1.27 18.10 -21.24
CA ILE A 152 -0.11 18.53 -20.46
C ILE A 152 -0.38 19.93 -19.92
N PHE A 153 -0.17 20.09 -18.62
CA PHE A 153 -0.27 21.41 -18.02
C PHE A 153 0.82 21.55 -16.97
N GLY A 154 1.19 22.79 -16.66
CA GLY A 154 2.28 23.05 -15.73
C GLY A 154 1.99 24.23 -14.82
N ARG A 155 3.05 24.81 -14.25
CA ARG A 155 2.91 26.01 -13.41
C ARG A 155 2.38 27.17 -14.26
N GLU A 156 1.29 27.79 -13.78
CA GLU A 156 0.64 28.89 -14.48
C GLU A 156 1.52 30.13 -14.44
N VAL A 157 2.13 30.50 -15.57
CA VAL A 157 2.90 31.72 -15.66
C VAL A 157 2.23 32.62 -16.71
N PRO A 158 1.86 33.86 -16.36
CA PRO A 158 1.10 34.70 -17.30
C PRO A 158 1.88 35.02 -18.55
N ALA A 159 1.12 35.27 -19.63
CA ALA A 159 1.72 35.50 -20.94
C ALA A 159 2.66 36.70 -20.95
N ASP A 160 2.43 37.70 -20.09
CA ASP A 160 3.30 38.87 -20.11
C ASP A 160 4.43 38.80 -19.11
N HIS A 161 4.57 37.70 -18.39
CA HIS A 161 5.76 37.49 -17.57
C HIS A 161 6.97 37.37 -18.47
N PRO A 162 8.13 37.92 -18.06
CA PRO A 162 9.33 37.83 -18.91
C PRO A 162 9.79 36.40 -19.20
N ASP A 163 9.50 35.44 -18.31
CA ASP A 163 9.85 34.05 -18.56
C ASP A 163 8.88 33.32 -19.48
N ALA A 164 7.72 33.91 -19.78
CA ALA A 164 6.71 33.21 -20.58
C ALA A 164 7.29 32.82 -21.93
N GLY A 165 7.17 31.54 -22.28
CA GLY A 165 7.71 31.01 -23.52
C GLY A 165 9.12 30.47 -23.41
N ARG A 166 9.82 30.77 -22.33
CA ARG A 166 11.08 30.10 -22.07
C ARG A 166 10.83 28.62 -21.81
N PHE A 167 11.91 27.84 -21.81
CA PHE A 167 11.81 26.40 -21.66
C PHE A 167 10.86 26.01 -20.53
N SER A 168 9.81 25.26 -20.89
CA SER A 168 8.87 24.65 -19.95
C SER A 168 8.21 25.69 -19.06
N THR A 169 8.03 26.91 -19.56
CA THR A 169 7.56 28.03 -18.76
C THR A 169 6.62 28.88 -19.60
N GLY A 170 5.45 29.16 -19.05
CA GLY A 170 4.44 29.92 -19.77
C GLY A 170 3.05 29.59 -19.28
N PRO A 171 2.04 30.12 -19.96
CA PRO A 171 0.65 29.85 -19.56
C PRO A 171 0.19 28.48 -20.05
N ASN A 172 -0.77 27.92 -19.32
CA ASN A 172 -1.42 26.68 -19.73
C ASN A 172 -2.46 26.96 -20.82
N GLN A 173 -2.77 25.93 -21.59
CA GLN A 173 -3.92 25.94 -22.50
C GLN A 173 -5.03 25.12 -21.87
N TRP A 174 -6.26 25.66 -21.86
CA TRP A 174 -7.38 24.98 -21.23
C TRP A 174 -8.49 24.75 -22.24
N PRO A 175 -9.08 23.55 -22.29
CA PRO A 175 -10.20 23.31 -23.22
C PRO A 175 -11.44 24.06 -22.75
N SER A 176 -11.97 24.94 -23.61
CA SER A 176 -13.03 25.85 -23.21
C SER A 176 -14.37 25.17 -22.99
N SER A 177 -14.57 23.96 -23.49
CA SER A 177 -15.85 23.29 -23.31
C SER A 177 -15.97 22.57 -21.96
N LEU A 178 -14.89 22.46 -21.20
CA LEU A 178 -15.01 21.83 -19.88
C LEU A 178 -15.12 22.90 -18.80
N PRO A 179 -16.15 22.86 -17.95
CA PRO A 179 -16.28 23.91 -16.92
C PRO A 179 -15.11 23.86 -15.94
N ASP A 180 -14.72 25.04 -15.45
CA ASP A 180 -13.60 25.14 -14.52
C ASP A 180 -13.76 24.18 -13.35
N SER A 181 -14.96 24.13 -12.75
CA SER A 181 -15.15 23.31 -11.56
C SER A 181 -14.90 21.83 -11.84
N GLU A 182 -15.01 21.40 -13.09
CA GLU A 182 -14.88 19.99 -13.42
C GLU A 182 -13.49 19.61 -13.93
N PHE A 183 -12.65 20.58 -14.28
CA PHE A 183 -11.36 20.26 -14.90
C PHE A 183 -10.24 21.12 -14.35
N ARG A 184 -10.20 22.40 -14.76
CA ARG A 184 -9.06 23.25 -14.43
C ARG A 184 -8.88 23.41 -12.93
N ILE A 185 -9.98 23.58 -12.20
CA ILE A 185 -9.90 23.85 -10.76
C ILE A 185 -9.43 22.61 -10.00
N PRO A 186 -10.02 21.42 -10.18
CA PRO A 186 -9.46 20.24 -9.51
C PRO A 186 -8.03 19.92 -9.90
N LEU A 187 -7.65 20.16 -11.15
CA LEU A 187 -6.27 19.89 -11.56
C LEU A 187 -5.30 20.85 -10.88
N LEU A 188 -5.66 22.14 -10.77
CA LEU A 188 -4.78 23.07 -10.07
C LEU A 188 -4.69 22.77 -8.58
N LYS A 189 -5.80 22.32 -7.98
CA LYS A 189 -5.76 21.96 -6.56
C LYS A 189 -4.88 20.73 -6.34
N TYR A 190 -5.02 19.74 -7.21
CA TYR A 190 -4.15 18.56 -7.17
C TYR A 190 -2.70 18.93 -7.39
N GLN A 191 -2.45 19.89 -8.28
CA GLN A 191 -1.09 20.38 -8.51
C GLN A 191 -0.50 20.94 -7.22
N GLU A 192 -1.30 21.70 -6.46
CA GLU A 192 -0.84 22.14 -5.13
C GLU A 192 -0.38 20.94 -4.29
N LYS A 193 -1.20 19.89 -4.27
CA LYS A 193 -0.85 18.71 -3.46
C LYS A 193 0.38 17.98 -3.99
N MET A 194 0.57 17.90 -5.31
CA MET A 194 1.81 17.30 -5.84
C MET A 194 3.03 18.12 -5.47
N VAL A 195 2.91 19.44 -5.51
CA VAL A 195 4.04 20.29 -5.13
C VAL A 195 4.41 20.04 -3.67
N GLU A 196 3.40 19.96 -2.80
CA GLU A 196 3.74 19.71 -1.39
C GLU A 196 4.35 18.32 -1.20
N LEU A 197 3.82 17.32 -1.91
CA LEU A 197 4.37 15.98 -1.76
C LEU A 197 5.82 15.90 -2.25
N VAL A 198 6.13 16.50 -3.40
CA VAL A 198 7.51 16.41 -3.86
C VAL A 198 8.44 17.21 -2.95
N LYS A 199 7.94 18.27 -2.31
CA LYS A 199 8.77 18.95 -1.30
C LYS A 199 9.14 18.01 -0.16
N VAL A 200 8.16 17.23 0.33
CA VAL A 200 8.43 16.27 1.41
C VAL A 200 9.41 15.20 0.94
N ILE A 201 9.19 14.67 -0.26
CA ILE A 201 10.10 13.66 -0.80
C ILE A 201 11.52 14.19 -0.85
N LEU A 202 11.69 15.45 -1.28
CA LEU A 202 13.03 16.01 -1.36
C LEU A 202 13.67 16.15 0.03
N LYS A 203 12.88 16.50 1.05
CA LYS A 203 13.45 16.59 2.39
C LYS A 203 13.91 15.22 2.89
N ILE A 204 13.11 14.19 2.65
CA ILE A 204 13.53 12.83 3.05
C ILE A 204 14.80 12.43 2.29
N LEU A 205 14.82 12.68 0.98
CA LEU A 205 15.97 12.29 0.16
C LEU A 205 17.23 13.01 0.61
N ALA A 206 17.12 14.31 0.91
CA ALA A 206 18.27 15.05 1.40
C ALA A 206 18.77 14.47 2.71
N ARG A 207 17.85 14.00 3.56
CA ARG A 207 18.33 13.33 4.78
C ARG A 207 18.97 11.97 4.48
N GLY A 208 18.72 11.39 3.31
CA GLY A 208 19.30 10.10 3.00
C GLY A 208 20.67 10.07 2.31
N LEU A 209 21.28 11.22 2.04
CA LEU A 209 22.55 11.27 1.33
C LEU A 209 23.70 10.81 2.24
N PRO A 210 24.84 10.43 1.66
CA PRO A 210 25.99 10.04 2.49
C PRO A 210 26.36 11.10 3.51
N LYS A 211 26.49 10.68 4.77
CA LYS A 211 26.74 11.62 5.86
C LYS A 211 28.08 12.34 5.69
N GLU A 212 29.09 11.67 5.15
CA GLU A 212 30.39 12.29 4.92
C GLU A 212 30.33 13.42 3.90
N TRP A 213 29.26 13.52 3.11
CA TRP A 213 29.06 14.68 2.26
C TRP A 213 28.55 15.87 3.04
N ASN A 214 27.99 15.63 4.24
CA ASN A 214 27.55 16.68 5.15
C ASN A 214 26.55 17.62 4.49
N CYS A 215 25.63 17.05 3.73
CA CYS A 215 24.59 17.85 3.08
C CYS A 215 23.49 18.21 4.07
N PRO A 216 23.05 19.46 4.11
CA PRO A 216 21.95 19.83 5.00
C PRO A 216 20.62 19.37 4.43
N PRO A 217 19.57 19.28 5.25
CA PRO A 217 18.29 18.73 4.75
C PRO A 217 17.53 19.66 3.81
N ASP A 218 17.97 20.91 3.66
CA ASP A 218 17.36 21.86 2.75
C ASP A 218 17.99 21.82 1.36
N VAL A 219 18.91 20.89 1.12
CA VAL A 219 19.85 21.04 0.01
C VAL A 219 19.13 21.12 -1.33
N PHE A 220 17.95 20.48 -1.43
CA PHE A 220 17.21 20.43 -2.69
C PHE A 220 16.15 21.52 -2.80
N ASP A 221 15.94 22.31 -1.73
CA ASP A 221 14.74 23.14 -1.65
C ASP A 221 14.65 24.19 -2.76
N ALA A 222 15.80 24.71 -3.22
CA ALA A 222 15.79 25.77 -4.22
C ALA A 222 15.14 25.30 -5.53
N ALA A 223 15.21 24.01 -5.81
CA ALA A 223 14.59 23.46 -7.02
C ALA A 223 13.07 23.64 -7.02
N THR A 224 12.45 23.81 -5.84
CA THR A 224 11.01 23.91 -5.73
C THR A 224 10.50 25.35 -5.80
N VAL A 225 11.39 26.31 -6.01
CA VAL A 225 11.01 27.71 -6.16
C VAL A 225 10.78 27.97 -7.64
N GLU A 226 9.59 28.47 -7.99
CA GLU A 226 9.19 28.76 -9.37
C GLU A 226 9.62 27.63 -10.31
N PRO A 227 9.19 26.39 -10.05
CA PRO A 227 9.75 25.26 -10.79
C PRO A 227 8.99 24.96 -12.08
N SER A 228 9.68 24.24 -12.97
CA SER A 228 9.02 23.50 -14.04
C SER A 228 8.38 22.25 -13.43
N ILE A 229 7.06 22.13 -13.54
CA ILE A 229 6.34 21.00 -12.96
C ILE A 229 5.27 20.48 -13.91
N PRO A 230 5.64 19.92 -15.08
CA PRO A 230 4.62 19.39 -15.99
C PRO A 230 3.90 18.18 -15.42
N MET A 231 2.60 18.12 -15.71
CA MET A 231 1.70 17.01 -15.43
C MET A 231 1.01 16.58 -16.70
N ARG A 232 0.91 15.27 -16.88
CA ARG A 232 0.16 14.71 -17.98
C ARG A 232 -1.09 13.98 -17.48
N LEU A 233 -2.16 14.13 -18.22
CA LEU A 233 -3.31 13.24 -18.19
C LEU A 233 -3.17 12.37 -19.43
N LEU A 234 -2.78 11.12 -19.24
CA LEU A 234 -2.46 10.21 -20.33
C LEU A 234 -3.63 9.25 -20.56
N HIS A 235 -3.93 9.01 -21.85
CA HIS A 235 -4.92 8.04 -22.30
C HIS A 235 -4.21 7.08 -23.28
N TYR A 236 -4.08 5.82 -22.88
CA TYR A 236 -3.53 4.77 -23.72
C TYR A 236 -4.68 3.99 -24.34
N ALA A 237 -4.67 3.87 -25.67
CA ALA A 237 -5.63 3.01 -26.33
C ALA A 237 -5.32 1.54 -26.03
N PRO A 238 -6.30 0.66 -26.17
CA PRO A 238 -6.00 -0.77 -25.99
C PRO A 238 -4.95 -1.20 -27.00
N GLN A 239 -4.27 -2.28 -26.66
CA GLN A 239 -3.32 -2.89 -27.56
C GLN A 239 -4.03 -3.38 -28.83
N SER A 240 -3.30 -3.45 -29.94
CA SER A 240 -3.88 -4.04 -31.13
C SER A 240 -3.76 -5.56 -31.04
N GLU A 241 -4.48 -6.24 -31.94
CA GLU A 241 -4.39 -7.71 -31.96
C GLU A 241 -3.04 -8.19 -32.47
N GLU A 242 -2.44 -7.48 -33.43
CA GLU A 242 -1.14 -7.82 -34.00
C GLU A 242 -0.10 -8.23 -32.93
N GLY A 250 8.11 3.54 -24.33
CA GLY A 250 9.31 2.80 -24.71
C GLY A 250 10.46 3.10 -23.77
N ASP A 251 11.58 2.41 -23.99
CA ASP A 251 12.78 2.55 -23.15
C ASP A 251 13.19 4.02 -23.00
N HIS A 252 13.27 4.51 -21.76
CA HIS A 252 13.71 5.89 -21.55
C HIS A 252 14.02 6.12 -20.08
N THR A 253 14.61 7.28 -19.80
CA THR A 253 14.73 7.83 -18.47
C THR A 253 14.00 9.17 -18.41
N ASP A 254 13.54 9.53 -17.22
CA ASP A 254 13.03 10.88 -16.99
C ASP A 254 14.21 11.83 -16.83
N PHE A 255 14.06 13.06 -17.33
CA PHE A 255 15.16 14.00 -17.34
C PHE A 255 15.22 14.86 -16.09
N GLY A 256 14.11 15.01 -15.38
CA GLY A 256 14.02 15.96 -14.28
C GLY A 256 14.54 15.43 -12.96
N ASN A 257 13.95 15.90 -11.87
CA ASN A 257 14.40 15.52 -10.53
C ASN A 257 13.57 14.39 -9.94
N VAL A 258 12.25 14.56 -9.82
CA VAL A 258 11.41 13.54 -9.18
C VAL A 258 10.14 13.35 -9.98
N SER A 259 9.76 12.10 -10.25
CA SER A 259 8.52 11.80 -10.93
C SER A 259 7.57 11.06 -9.99
N VAL A 260 6.29 11.43 -10.05
CA VAL A 260 5.24 10.94 -9.16
C VAL A 260 4.12 10.43 -10.07
N LEU A 261 3.96 9.11 -10.16
CA LEU A 261 3.02 8.49 -11.09
C LEU A 261 1.78 7.98 -10.37
N LEU A 262 0.60 8.44 -10.81
CA LEU A 262 -0.68 7.84 -10.41
C LEU A 262 -1.13 6.85 -11.47
N GLN A 263 -1.25 5.59 -11.06
CA GLN A 263 -1.70 4.51 -11.92
C GLN A 263 -3.17 4.21 -11.69
N GLU A 264 -3.82 3.72 -12.74
CA GLU A 264 -5.18 3.19 -12.68
C GLU A 264 -5.10 1.68 -12.51
N GLU A 265 -6.03 1.13 -11.73
CA GLU A 265 -6.04 -0.32 -11.52
C GLU A 265 -6.13 -1.03 -12.88
N GLY A 266 -5.46 -2.15 -12.98
CA GLY A 266 -5.34 -2.87 -14.22
C GLY A 266 -4.09 -3.73 -14.21
N THR A 267 -3.83 -4.34 -15.37
CA THR A 267 -2.67 -5.20 -15.54
C THR A 267 -1.38 -4.38 -15.53
N VAL A 268 -0.26 -5.10 -15.36
CA VAL A 268 1.04 -4.43 -15.27
C VAL A 268 1.28 -3.61 -16.53
N GLY A 269 1.60 -2.33 -16.34
CA GLY A 269 2.03 -1.51 -17.46
C GLY A 269 3.51 -1.22 -17.38
N LEU A 270 3.94 -0.77 -16.21
CA LEU A 270 5.26 -0.20 -16.02
C LEU A 270 6.29 -1.29 -15.72
N GLU A 271 7.47 -1.16 -16.34
CA GLU A 271 8.61 -2.02 -16.07
C GLU A 271 9.84 -1.14 -15.88
N VAL A 272 10.70 -1.56 -14.96
CA VAL A 272 11.91 -0.83 -14.59
C VAL A 272 13.12 -1.70 -14.88
N TRP A 273 14.08 -1.17 -15.64
CA TRP A 273 15.29 -1.92 -15.92
C TRP A 273 16.20 -1.95 -14.69
N TYR A 274 16.58 -3.14 -14.26
CA TYR A 274 17.53 -3.32 -13.18
C TYR A 274 18.82 -3.89 -13.77
N PRO A 275 19.87 -3.06 -13.87
CA PRO A 275 21.10 -3.49 -14.55
C PRO A 275 21.81 -4.65 -13.87
N PRO A 276 21.96 -4.66 -12.54
CA PRO A 276 22.79 -5.73 -11.92
C PRO A 276 22.40 -7.14 -12.33
N THR A 277 21.11 -7.41 -12.50
CA THR A 277 20.66 -8.72 -12.97
C THR A 277 20.11 -8.65 -14.39
N GLU A 278 20.26 -7.52 -15.06
CA GLU A 278 19.77 -7.29 -16.41
C GLU A 278 18.33 -7.78 -16.56
N THR A 279 17.44 -7.28 -15.71
CA THR A 279 16.05 -7.75 -15.78
C THR A 279 15.08 -6.59 -15.70
N TRP A 280 13.91 -6.78 -16.33
CA TRP A 280 12.80 -5.84 -16.23
C TRP A 280 11.93 -6.20 -15.03
N ILE A 281 11.86 -5.28 -14.06
CA ILE A 281 11.04 -5.46 -12.87
C ILE A 281 9.64 -4.93 -13.17
N PRO A 282 8.60 -5.75 -13.09
CA PRO A 282 7.23 -5.22 -13.25
C PRO A 282 6.82 -4.40 -12.04
N VAL A 283 6.00 -3.37 -12.30
CA VAL A 283 5.49 -2.48 -11.26
C VAL A 283 3.96 -2.52 -11.33
N PRO A 284 3.32 -3.54 -10.76
CA PRO A 284 1.85 -3.59 -10.77
C PRO A 284 1.26 -2.47 -9.91
N VAL A 285 -0.02 -2.21 -10.14
CA VAL A 285 -0.71 -1.15 -9.40
C VAL A 285 -0.92 -1.58 -7.96
N ILE A 286 -0.55 -0.69 -7.03
CA ILE A 286 -0.78 -0.90 -5.60
C ILE A 286 -1.72 0.19 -5.11
N SER A 287 -2.88 -0.23 -4.63
CA SER A 287 -3.90 0.66 -4.07
C SER A 287 -3.30 1.66 -3.08
N GLY A 288 -3.68 2.92 -3.21
CA GLY A 288 -3.20 3.92 -2.30
C GLY A 288 -1.80 4.43 -2.56
N SER A 289 -1.09 3.90 -3.56
CA SER A 289 0.29 4.28 -3.76
C SER A 289 0.47 5.23 -4.94
N TYR A 290 1.60 5.94 -4.92
CA TYR A 290 2.21 6.54 -6.10
C TYR A 290 3.46 5.75 -6.45
N VAL A 291 3.82 5.70 -7.72
CA VAL A 291 5.14 5.20 -8.12
C VAL A 291 6.08 6.39 -8.25
N ILE A 292 7.16 6.40 -7.47
CA ILE A 292 8.12 7.51 -7.44
C ILE A 292 9.39 7.06 -8.13
N ASN A 293 9.96 7.92 -8.96
CA ASN A 293 11.29 7.60 -9.49
C ASN A 293 12.15 8.84 -9.61
N MET A 294 13.47 8.61 -9.61
CA MET A 294 14.40 9.72 -9.78
C MET A 294 14.66 9.95 -11.26
N GLY A 295 14.85 11.22 -11.63
CA GLY A 295 15.20 11.57 -12.98
C GLY A 295 16.70 11.87 -13.14
N ASP A 296 17.10 12.08 -14.40
CA ASP A 296 18.50 12.33 -14.72
C ASP A 296 19.09 13.52 -13.97
N MET A 297 18.27 14.55 -13.70
CA MET A 297 18.84 15.74 -13.09
C MET A 297 19.21 15.45 -11.64
N MET A 298 18.42 14.58 -10.99
CA MET A 298 18.66 14.17 -9.61
C MET A 298 19.91 13.30 -9.53
N GLN A 299 20.04 12.37 -10.47
CA GLN A 299 21.23 11.55 -10.55
C GLN A 299 22.48 12.42 -10.72
N LYS A 300 22.39 13.43 -11.59
CA LYS A 300 23.52 14.34 -11.79
C LYS A 300 23.81 15.15 -10.54
N TRP A 301 22.78 15.70 -9.91
CA TRP A 301 22.96 16.54 -8.72
C TRP A 301 23.67 15.79 -7.61
N THR A 302 23.31 14.52 -7.42
CA THR A 302 23.84 13.67 -6.36
C THR A 302 25.04 12.86 -6.80
N ALA A 303 25.67 13.24 -7.91
CA ALA A 303 26.88 12.58 -8.39
C ALA A 303 26.67 11.07 -8.54
N GLY A 304 25.46 10.66 -8.90
CA GLY A 304 25.16 9.27 -9.15
C GLY A 304 24.73 8.45 -7.95
N PHE A 305 24.64 9.05 -6.77
CA PHE A 305 24.22 8.28 -5.60
C PHE A 305 22.77 7.82 -5.74
N TYR A 306 21.87 8.72 -6.15
CA TYR A 306 20.51 8.33 -6.49
C TYR A 306 20.44 8.04 -7.98
N ARG A 307 19.90 6.87 -8.33
CA ARG A 307 19.91 6.40 -9.71
C ARG A 307 18.64 6.82 -10.45
N SER A 308 18.83 7.19 -11.72
CA SER A 308 17.73 7.42 -12.65
C SER A 308 17.64 6.19 -13.55
N ALA A 309 16.63 5.36 -13.31
CA ALA A 309 16.50 4.05 -13.96
C ALA A 309 15.77 4.15 -15.29
N ARG A 310 16.19 3.29 -16.23
CA ARG A 310 15.43 3.13 -17.46
C ARG A 310 14.13 2.41 -17.16
N HIS A 311 13.07 2.82 -17.84
CA HIS A 311 11.76 2.21 -17.66
C HIS A 311 10.94 2.36 -18.92
N ARG A 312 9.87 1.59 -18.99
CA ARG A 312 9.00 1.62 -20.16
C ARG A 312 7.61 1.18 -19.71
N VAL A 313 6.60 1.62 -20.43
CA VAL A 313 5.24 1.14 -20.19
C VAL A 313 4.92 0.09 -21.25
N VAL A 314 4.50 -1.06 -20.80
CA VAL A 314 4.03 -2.10 -21.70
C VAL A 314 2.51 -2.02 -21.75
N ASN A 315 1.95 -2.32 -22.90
CA ASN A 315 0.52 -2.18 -23.13
C ASN A 315 -0.07 -3.58 -23.30
N HIS A 316 -0.55 -4.16 -22.21
CA HIS A 316 -1.31 -5.40 -22.25
C HIS A 316 -2.81 -5.15 -22.06
N ASN A 317 -3.25 -3.91 -22.24
CA ASN A 317 -4.62 -3.51 -21.96
C ASN A 317 -5.56 -3.97 -23.08
N LYS A 318 -6.71 -4.50 -22.69
CA LYS A 318 -7.77 -4.79 -23.64
C LYS A 318 -8.78 -3.65 -23.76
N LYS A 319 -8.71 -2.66 -22.88
CA LYS A 319 -9.53 -1.47 -22.95
C LYS A 319 -8.63 -0.28 -22.71
N SER A 320 -9.17 0.92 -22.91
CA SER A 320 -8.40 2.14 -22.71
C SER A 320 -7.91 2.23 -21.27
N ARG A 321 -6.71 2.77 -21.08
CA ARG A 321 -6.09 2.88 -19.77
C ARG A 321 -5.65 4.32 -19.55
N TYR A 322 -5.72 4.80 -18.31
CA TYR A 322 -5.38 6.18 -18.02
C TYR A 322 -4.32 6.24 -16.94
N SER A 323 -3.52 7.30 -16.97
CA SER A 323 -2.55 7.52 -15.91
C SER A 323 -2.32 9.03 -15.76
N ALA A 324 -1.73 9.41 -14.64
CA ALA A 324 -1.46 10.82 -14.36
C ALA A 324 -0.09 10.95 -13.71
N PRO A 325 0.97 11.07 -14.51
CA PRO A 325 2.29 11.39 -13.96
C PRO A 325 2.53 12.89 -13.79
N PHE A 326 3.11 13.23 -12.64
CA PHE A 326 3.55 14.58 -12.31
C PHE A 326 5.08 14.60 -12.23
N PHE A 327 5.71 15.55 -12.89
CA PHE A 327 7.17 15.60 -12.96
C PHE A 327 7.68 16.87 -12.31
N LEU A 328 8.49 16.74 -11.27
CA LEU A 328 9.31 17.85 -10.78
C LEU A 328 10.60 17.90 -11.60
N ASN A 329 10.64 18.84 -12.55
CA ASN A 329 11.90 19.23 -13.18
C ASN A 329 12.68 20.17 -12.27
N GLY A 330 12.04 21.22 -11.77
CA GLY A 330 12.67 22.18 -10.89
C GLY A 330 12.82 23.55 -11.56
N ASN A 331 13.29 24.51 -10.76
CA ASN A 331 13.57 25.83 -11.30
C ASN A 331 14.57 25.71 -12.45
N ILE A 332 14.19 26.21 -13.63
CA ILE A 332 15.01 25.91 -14.81
C ILE A 332 16.30 26.70 -14.83
N ASP A 333 16.43 27.74 -14.00
CA ASP A 333 17.64 28.54 -13.95
C ASP A 333 18.55 28.21 -12.77
N LEU A 334 18.18 27.23 -11.93
CA LEU A 334 18.98 26.90 -10.76
C LEU A 334 20.27 26.19 -11.15
N LYS A 335 21.39 26.69 -10.62
CA LYS A 335 22.70 26.07 -10.80
C LYS A 335 22.94 25.12 -9.62
N CYS A 336 23.03 23.84 -9.93
CA CYS A 336 23.11 22.75 -8.96
C CYS A 336 24.56 22.30 -8.84
N LYS A 337 25.05 22.17 -7.62
CA LYS A 337 26.43 21.78 -7.37
C LYS A 337 26.45 20.34 -6.88
N ALA A 338 27.28 19.51 -7.52
CA ALA A 338 27.43 18.11 -7.13
C ALA A 338 27.59 17.98 -5.62
N LEU A 339 26.67 17.22 -5.01
CA LEU A 339 26.59 17.20 -3.55
C LEU A 339 27.75 16.46 -2.90
N ASP A 340 28.60 15.79 -3.68
CA ASP A 340 29.81 15.19 -3.15
C ASP A 340 30.97 16.18 -3.11
N GLY A 341 30.70 17.47 -3.35
CA GLY A 341 31.71 18.51 -3.27
C GLY A 341 32.73 18.49 -4.37
N SER A 342 32.45 17.80 -5.48
CA SER A 342 33.39 17.72 -6.59
C SER A 342 33.38 18.97 -7.47
N GLY A 343 32.56 19.96 -7.17
CA GLY A 343 32.62 21.22 -7.87
C GLY A 343 31.91 21.27 -9.21
N VAL A 344 31.26 20.18 -9.64
CA VAL A 344 30.57 20.18 -10.92
C VAL A 344 29.28 20.97 -10.80
N GLU A 345 29.04 21.87 -11.75
CA GLU A 345 27.87 22.74 -11.76
C GLU A 345 27.00 22.44 -12.97
N THR A 346 25.71 22.22 -12.73
CA THR A 346 24.75 21.90 -13.79
C THR A 346 23.52 22.79 -13.62
N VAL A 347 23.11 23.47 -14.68
CA VAL A 347 21.88 24.26 -14.66
C VAL A 347 20.72 23.37 -15.14
N ILE A 348 19.66 23.31 -14.34
CA ILE A 348 18.57 22.35 -14.57
C ILE A 348 18.04 22.45 -16.00
N GLY A 349 17.67 23.67 -16.42
CA GLY A 349 17.09 23.83 -17.75
C GLY A 349 18.04 23.44 -18.86
N GLU A 350 19.32 23.84 -18.74
CA GLU A 350 20.31 23.44 -19.73
C GLU A 350 20.46 21.92 -19.77
N HIS A 351 20.48 21.27 -18.60
CA HIS A 351 20.60 19.82 -18.55
C HIS A 351 19.42 19.15 -19.24
N ILE A 352 18.20 19.61 -18.95
CA ILE A 352 17.03 18.94 -19.51
C ILE A 352 16.96 19.16 -21.02
N ARG A 353 17.25 20.38 -21.47
CA ARG A 353 17.27 20.65 -22.91
C ARG A 353 18.34 19.81 -23.61
N GLN A 354 19.50 19.65 -22.96
CA GLN A 354 20.57 18.81 -23.51
C GLN A 354 20.12 17.35 -23.61
N ARG A 355 19.43 16.86 -22.57
CA ARG A 355 18.93 15.49 -22.60
C ARG A 355 17.91 15.30 -23.73
N LEU A 356 17.09 16.32 -23.97
CA LEU A 356 16.13 16.28 -25.08
C LEU A 356 16.84 16.18 -26.42
N PHE A 357 17.88 17.00 -26.61
CA PHE A 357 18.62 16.93 -27.87
C PHE A 357 19.31 15.59 -28.04
N GLU A 358 19.94 15.06 -26.98
CA GLU A 358 20.64 13.79 -27.07
C GLU A 358 19.70 12.62 -27.31
N THR A 359 18.45 12.68 -26.85
CA THR A 359 17.55 11.56 -27.07
C THR A 359 16.77 11.69 -28.38
N ILE A 360 16.62 12.90 -28.91
CA ILE A 360 15.97 13.09 -30.20
C ILE A 360 16.94 13.71 -31.21
N PRO B 46 18.70 -13.83 1.17
CA PRO B 46 17.83 -13.43 2.29
C PRO B 46 16.84 -12.34 1.89
N PRO B 47 15.55 -12.68 1.87
CA PRO B 47 14.54 -11.70 1.46
C PRO B 47 14.45 -10.56 2.45
N LYS B 48 14.02 -9.41 1.95
CA LYS B 48 13.93 -8.23 2.79
C LYS B 48 12.51 -7.88 3.18
N THR B 49 11.50 -8.40 2.47
CA THR B 49 10.11 -8.08 2.73
C THR B 49 9.24 -9.29 2.43
N ILE B 50 8.05 -9.29 3.02
CA ILE B 50 6.98 -10.18 2.60
C ILE B 50 6.27 -9.50 1.42
N PRO B 51 5.62 -10.25 0.54
CA PRO B 51 5.04 -9.65 -0.69
C PRO B 51 3.82 -8.80 -0.41
N ILE B 52 3.39 -8.05 -1.43
CA ILE B 52 2.17 -7.25 -1.36
C ILE B 52 1.20 -7.75 -2.42
N VAL B 53 -0.07 -7.92 -2.04
CA VAL B 53 -1.12 -8.39 -2.93
C VAL B 53 -2.25 -7.36 -2.90
N ASP B 54 -2.58 -6.82 -4.06
CA ASP B 54 -3.72 -5.94 -4.23
C ASP B 54 -4.88 -6.79 -4.74
N ILE B 55 -5.93 -6.90 -3.96
CA ILE B 55 -7.07 -7.73 -4.32
C ILE B 55 -8.20 -6.92 -4.94
N SER B 56 -7.92 -5.68 -5.38
CA SER B 56 -8.95 -4.84 -5.97
C SER B 56 -9.68 -5.54 -7.11
N ALA B 57 -8.93 -6.26 -7.95
CA ALA B 57 -9.55 -6.96 -9.07
C ALA B 57 -10.62 -7.94 -8.61
N PHE B 58 -10.59 -8.35 -7.35
CA PHE B 58 -11.60 -9.26 -6.79
C PHE B 58 -12.70 -8.54 -6.03
N ILE B 59 -12.49 -7.27 -5.63
CA ILE B 59 -13.55 -6.51 -5.01
C ILE B 59 -14.41 -5.79 -6.05
N ASP B 60 -14.03 -5.86 -7.33
CA ASP B 60 -14.82 -5.32 -8.42
C ASP B 60 -15.08 -6.40 -9.46
N ASP B 61 -16.33 -6.55 -9.88
CA ASP B 61 -16.74 -7.55 -10.85
C ASP B 61 -16.57 -7.08 -12.29
N ASN B 62 -15.98 -5.89 -12.50
CA ASN B 62 -15.72 -5.35 -13.82
C ASN B 62 -14.23 -5.35 -14.18
N ALA B 63 -13.40 -6.05 -13.40
CA ALA B 63 -11.99 -6.18 -13.68
C ALA B 63 -11.73 -7.31 -14.67
N SER B 64 -10.62 -7.22 -15.38
CA SER B 64 -10.31 -8.21 -16.41
C SER B 64 -9.96 -9.56 -15.78
N ALA B 65 -10.19 -10.63 -16.56
CA ALA B 65 -9.83 -11.97 -16.10
C ALA B 65 -8.33 -12.08 -15.86
N GLN B 66 -7.53 -11.41 -16.68
CA GLN B 66 -6.08 -11.39 -16.47
C GLN B 66 -5.74 -10.78 -15.11
N ALA B 67 -6.43 -9.70 -14.74
CA ALA B 67 -6.11 -9.03 -13.47
C ALA B 67 -6.48 -9.92 -12.29
N LYS B 68 -7.63 -10.60 -12.38
CA LYS B 68 -8.03 -11.54 -11.34
C LYS B 68 -7.04 -12.68 -11.21
N ASP B 69 -6.57 -13.20 -12.36
CA ASP B 69 -5.60 -14.28 -12.34
C ASP B 69 -4.27 -13.80 -11.76
N ASP B 70 -3.90 -12.55 -12.02
CA ASP B 70 -2.72 -11.96 -11.40
C ASP B 70 -2.83 -11.96 -9.89
N VAL B 71 -4.00 -11.58 -9.36
CA VAL B 71 -4.20 -11.63 -7.91
C VAL B 71 -4.07 -13.05 -7.38
N VAL B 72 -4.70 -14.00 -8.07
CA VAL B 72 -4.62 -15.40 -7.66
C VAL B 72 -3.17 -15.87 -7.59
N LYS B 73 -2.40 -15.61 -8.65
CA LYS B 73 -1.02 -16.08 -8.70
C LYS B 73 -0.17 -15.42 -7.62
N ALA B 74 -0.32 -14.11 -7.42
CA ALA B 74 0.47 -13.42 -6.41
C ALA B 74 0.17 -13.94 -5.01
N MET B 75 -1.12 -14.10 -4.69
CA MET B 75 -1.47 -14.56 -3.36
C MET B 75 -1.01 -15.99 -3.15
N SER B 76 -1.13 -16.83 -4.17
CA SER B 76 -0.71 -18.21 -4.04
C SER B 76 0.79 -18.30 -3.77
N HIS B 77 1.59 -17.57 -4.55
CA HIS B 77 3.04 -17.61 -4.36
C HIS B 77 3.43 -17.10 -2.98
N ALA B 78 2.80 -15.99 -2.53
CA ALA B 78 3.13 -15.49 -1.20
C ALA B 78 2.82 -16.54 -0.13
N CYS B 79 1.66 -17.20 -0.22
CA CYS B 79 1.27 -18.07 0.88
C CYS B 79 2.00 -19.40 0.85
N SER B 80 2.44 -19.84 -0.33
CA SER B 80 3.22 -21.07 -0.43
C SER B 80 4.71 -20.84 -0.19
N THR B 81 5.19 -19.59 -0.26
CA THR B 81 6.59 -19.29 0.03
C THR B 81 6.78 -18.74 1.44
N TYR B 82 6.14 -17.62 1.75
CA TYR B 82 6.33 -16.96 3.04
C TYR B 82 5.23 -17.26 4.05
N GLY B 83 4.05 -17.65 3.61
CA GLY B 83 2.92 -17.76 4.51
C GLY B 83 2.34 -16.44 4.96
N PHE B 84 2.87 -15.33 4.47
CA PHE B 84 2.53 -13.98 4.91
C PHE B 84 2.45 -13.08 3.68
N PHE B 85 1.56 -12.08 3.75
CA PHE B 85 1.59 -11.02 2.75
C PHE B 85 0.83 -9.80 3.24
N TYR B 86 1.19 -8.63 2.70
CA TYR B 86 0.37 -7.44 2.87
C TYR B 86 -0.80 -7.49 1.89
N LEU B 87 -1.99 -7.09 2.34
CA LEU B 87 -3.18 -7.06 1.52
C LEU B 87 -3.66 -5.61 1.44
N VAL B 88 -3.82 -5.11 0.22
CA VAL B 88 -4.42 -3.79 0.01
C VAL B 88 -5.56 -3.95 -1.00
N GLY B 89 -6.36 -2.89 -1.13
CA GLY B 89 -7.51 -2.91 -2.03
C GLY B 89 -8.74 -3.60 -1.48
N HIS B 90 -8.80 -3.80 -0.15
CA HIS B 90 -9.90 -4.52 0.46
C HIS B 90 -11.19 -3.70 0.49
N GLY B 91 -11.10 -2.38 0.40
CA GLY B 91 -12.26 -1.51 0.44
C GLY B 91 -12.82 -1.21 1.80
N ILE B 92 -12.16 -1.62 2.89
CA ILE B 92 -12.62 -1.26 4.23
C ILE B 92 -12.17 0.17 4.49
N PRO B 93 -13.08 1.09 4.79
CA PRO B 93 -12.70 2.50 4.89
C PRO B 93 -11.65 2.74 5.97
N GLU B 94 -10.76 3.70 5.70
CA GLU B 94 -9.72 4.03 6.67
C GLU B 94 -10.30 4.55 7.98
N VAL B 95 -11.45 5.26 7.92
CA VAL B 95 -12.08 5.73 9.15
C VAL B 95 -12.48 4.57 10.05
N ASP B 96 -12.91 3.44 9.45
CA ASP B 96 -13.30 2.27 10.24
C ASP B 96 -12.10 1.60 10.90
N ARG B 97 -10.99 1.47 10.16
CA ARG B 97 -9.76 0.93 10.75
C ARG B 97 -9.27 1.80 11.90
N GLN B 98 -9.25 3.12 11.69
CA GLN B 98 -8.84 4.04 12.75
C GLN B 98 -9.79 3.95 13.94
N GLN B 99 -11.09 3.77 13.69
CA GLN B 99 -12.03 3.60 14.80
C GLN B 99 -11.73 2.34 15.59
N VAL B 100 -11.41 1.23 14.91
CA VAL B 100 -11.08 0.01 15.65
C VAL B 100 -9.89 0.25 16.57
N LEU B 101 -8.87 0.94 16.06
CA LEU B 101 -7.72 1.20 16.94
C LEU B 101 -8.09 2.14 18.09
N ASP B 102 -8.97 3.10 17.85
CA ASP B 102 -9.49 3.96 18.92
C ASP B 102 -10.25 3.16 19.97
N CYS B 103 -10.99 2.13 19.54
CA CYS B 103 -11.66 1.25 20.49
C CYS B 103 -10.64 0.51 21.35
N ALA B 104 -9.57 0.02 20.72
CA ALA B 104 -8.50 -0.60 21.52
C ALA B 104 -7.99 0.35 22.58
N ARG B 105 -7.70 1.60 22.18
CA ARG B 105 -7.19 2.59 23.13
C ARG B 105 -8.21 2.90 24.22
N LEU B 106 -9.48 3.01 23.84
CA LEU B 106 -10.54 3.33 24.79
C LEU B 106 -10.67 2.25 25.84
N PHE B 107 -10.78 0.98 25.40
CA PHE B 107 -10.87 -0.12 26.33
C PHE B 107 -9.67 -0.14 27.26
N ALA B 108 -8.47 0.01 26.69
CA ALA B 108 -7.27 -0.05 27.52
C ALA B 108 -7.27 1.04 28.59
N SER B 109 -7.93 2.18 28.32
CA SER B 109 -7.95 3.30 29.26
C SER B 109 -8.86 3.07 30.46
N LEU B 110 -9.63 1.99 30.48
CA LEU B 110 -10.42 1.68 31.65
C LEU B 110 -9.52 1.26 32.81
N PRO B 111 -9.93 1.55 34.05
CA PRO B 111 -9.17 1.07 35.20
C PRO B 111 -9.17 -0.45 35.30
N MET B 112 -8.12 -0.98 35.96
CA MET B 112 -7.96 -2.43 36.11
C MET B 112 -9.24 -3.10 36.63
N ASP B 113 -9.89 -2.49 37.63
CA ASP B 113 -11.06 -3.11 38.25
C ASP B 113 -12.20 -3.29 37.24
N GLU B 114 -12.42 -2.29 36.37
CA GLU B 114 -13.48 -2.43 35.38
C GLU B 114 -13.16 -3.51 34.36
N LYS B 115 -11.92 -3.55 33.87
CA LYS B 115 -11.54 -4.55 32.89
C LYS B 115 -11.60 -5.95 33.48
N MET B 116 -11.18 -6.11 34.75
CA MET B 116 -11.29 -7.44 35.36
C MET B 116 -12.72 -7.85 35.62
N GLY B 117 -13.64 -6.91 35.75
CA GLY B 117 -15.05 -7.27 35.76
C GLY B 117 -15.50 -8.17 34.62
N ILE B 118 -14.79 -8.17 33.49
CA ILE B 118 -15.11 -9.08 32.39
C ILE B 118 -13.89 -9.90 31.99
N SER B 119 -13.10 -10.30 32.98
CA SER B 119 -11.97 -11.20 32.77
C SER B 119 -12.40 -12.45 32.00
N VAL B 120 -11.49 -12.96 31.16
CA VAL B 120 -11.76 -14.21 30.44
C VAL B 120 -12.08 -15.35 31.41
N SER B 121 -11.60 -15.25 32.66
CA SER B 121 -11.99 -16.21 33.70
C SER B 121 -13.49 -16.31 33.85
N LYS B 122 -14.20 -15.22 33.61
CA LYS B 122 -15.64 -15.16 33.83
C LYS B 122 -16.46 -15.53 32.60
N CYS B 123 -15.83 -15.92 31.48
CA CYS B 123 -16.59 -16.23 30.28
C CYS B 123 -17.32 -17.56 30.48
N MET B 124 -18.26 -17.84 29.59
CA MET B 124 -19.02 -19.07 29.73
C MET B 124 -18.22 -20.22 29.09
N GLY B 125 -17.95 -21.26 29.88
CA GLY B 125 -17.27 -22.45 29.39
C GLY B 125 -15.95 -22.13 28.71
N GLN B 126 -15.74 -22.70 27.53
CA GLN B 126 -14.52 -22.47 26.77
C GLN B 126 -14.69 -21.40 25.69
N SER B 127 -15.60 -20.45 25.89
CA SER B 127 -15.81 -19.44 24.86
C SER B 127 -14.61 -18.51 24.73
N PHE B 128 -13.91 -18.28 25.84
CA PHE B 128 -12.69 -17.45 25.89
CA PHE B 128 -12.70 -17.43 25.91
C PHE B 128 -12.97 -16.02 25.38
N ARG B 129 -13.92 -15.35 26.05
CA ARG B 129 -14.31 -14.00 25.68
C ARG B 129 -14.07 -13.08 26.87
N GLY B 130 -13.63 -11.84 26.61
CA GLY B 130 -13.53 -10.82 27.64
C GLY B 130 -12.12 -10.25 27.73
N TYR B 131 -11.66 -10.03 28.96
CA TYR B 131 -10.44 -9.28 29.20
C TYR B 131 -9.29 -10.22 29.52
N GLU B 132 -8.20 -10.09 28.76
CA GLU B 132 -6.96 -10.83 28.99
C GLU B 132 -6.00 -9.91 29.72
N PRO B 133 -5.78 -10.11 31.02
CA PRO B 133 -4.98 -9.16 31.81
C PRO B 133 -3.50 -9.32 31.55
N PRO B 134 -2.68 -8.34 31.93
CA PRO B 134 -1.22 -8.50 31.78
C PRO B 134 -0.67 -9.52 32.75
N ALA B 135 0.51 -10.02 32.42
CA ALA B 135 1.15 -11.00 33.30
C ALA B 135 1.50 -10.41 34.66
N LEU B 136 1.77 -9.10 34.71
CA LEU B 136 2.06 -8.43 35.97
C LEU B 136 1.35 -7.09 36.01
N GLN B 137 0.94 -6.66 37.20
CA GLN B 137 0.28 -5.38 37.36
C GLN B 137 0.42 -4.89 38.80
N LEU B 138 0.47 -3.58 38.94
CA LEU B 138 0.59 -2.95 40.25
C LEU B 138 -0.38 -1.80 40.48
N HIS B 139 -0.86 -1.13 39.44
CA HIS B 139 -1.73 0.02 39.57
C HIS B 139 -3.00 -0.21 38.75
N GLN B 140 -4.00 0.63 39.02
CA GLN B 140 -5.27 0.53 38.30
C GLN B 140 -5.15 1.08 36.89
N GLU B 141 -4.22 2.00 36.68
CA GLU B 141 -4.08 2.74 35.43
C GLU B 141 -2.92 2.20 34.61
N GLY B 142 -3.12 2.11 33.30
CA GLY B 142 -2.06 1.73 32.37
C GLY B 142 -1.47 0.36 32.64
N LEU B 143 -0.34 0.11 31.98
CA LEU B 143 0.38 -1.15 32.08
C LEU B 143 1.81 -0.89 32.53
N LEU B 144 2.39 -1.90 33.19
CA LEU B 144 3.83 -1.91 33.41
C LEU B 144 4.55 -2.18 32.08
N PRO B 145 5.73 -1.59 31.88
CA PRO B 145 6.46 -1.84 30.64
C PRO B 145 6.67 -3.32 30.40
N ASP B 146 6.72 -3.70 29.12
CA ASP B 146 6.95 -5.06 28.64
C ASP B 146 5.76 -5.99 28.88
N THR B 147 4.60 -5.47 29.27
CA THR B 147 3.41 -6.30 29.39
C THR B 147 2.40 -5.92 28.31
N LYS B 148 1.32 -6.69 28.24
CA LYS B 148 0.25 -6.41 27.28
C LYS B 148 -1.07 -6.82 27.90
N GLU B 149 -2.13 -6.33 27.28
CA GLU B 149 -3.49 -6.68 27.69
C GLU B 149 -4.35 -6.71 26.44
N ALA B 150 -5.51 -7.35 26.54
CA ALA B 150 -6.34 -7.45 25.34
C ALA B 150 -7.80 -7.54 25.69
N PHE B 151 -8.63 -7.08 24.76
CA PHE B 151 -10.05 -7.40 24.74
C PHE B 151 -10.27 -8.42 23.62
N ILE B 152 -10.96 -9.52 23.95
CA ILE B 152 -11.26 -10.60 23.00
C ILE B 152 -12.77 -10.72 22.85
N PHE B 153 -13.22 -10.72 21.59
CA PHE B 153 -14.63 -10.98 21.30
C PHE B 153 -14.70 -11.82 20.05
N GLY B 154 -15.81 -12.55 19.91
CA GLY B 154 -15.98 -13.46 18.80
C GLY B 154 -17.39 -13.43 18.25
N ARG B 155 -17.77 -14.49 17.55
CA ARG B 155 -19.12 -14.62 17.02
C ARG B 155 -20.13 -14.66 18.18
N GLU B 156 -21.11 -13.76 18.13
CA GLU B 156 -22.13 -13.66 19.18
C GLU B 156 -23.05 -14.87 19.10
N VAL B 157 -22.94 -15.78 20.06
CA VAL B 157 -23.81 -16.95 20.17
C VAL B 157 -24.57 -16.84 21.49
N PRO B 158 -25.90 -16.90 21.48
CA PRO B 158 -26.65 -16.67 22.72
C PRO B 158 -26.36 -17.71 23.79
N ALA B 159 -26.52 -17.30 25.05
CA ALA B 159 -26.18 -18.15 26.19
C ALA B 159 -26.97 -19.46 26.20
N ASP B 160 -28.19 -19.47 25.67
CA ASP B 160 -29.00 -20.68 25.69
C ASP B 160 -28.89 -21.49 24.40
N HIS B 161 -28.04 -21.07 23.47
CA HIS B 161 -27.75 -21.92 22.33
C HIS B 161 -27.06 -23.20 22.81
N PRO B 162 -27.34 -24.36 22.20
CA PRO B 162 -26.70 -25.59 22.67
C PRO B 162 -25.18 -25.59 22.55
N ASP B 163 -24.61 -24.83 21.61
CA ASP B 163 -23.16 -24.74 21.46
C ASP B 163 -22.51 -23.76 22.44
N ALA B 164 -23.30 -22.95 23.16
CA ALA B 164 -22.71 -21.96 24.04
C ALA B 164 -21.83 -22.63 25.08
N GLY B 165 -20.58 -22.17 25.18
CA GLY B 165 -19.61 -22.74 26.09
C GLY B 165 -18.75 -23.85 25.52
N ARG B 166 -19.11 -24.40 24.36
CA ARG B 166 -18.19 -25.29 23.66
C ARG B 166 -16.95 -24.50 23.23
N PHE B 167 -15.94 -25.23 22.78
CA PHE B 167 -14.67 -24.61 22.41
C PHE B 167 -14.85 -23.38 21.53
N SER B 168 -14.38 -22.23 22.04
CA SER B 168 -14.36 -20.96 21.30
C SER B 168 -15.73 -20.52 20.82
N THR B 169 -16.80 -20.88 21.54
CA THR B 169 -18.16 -20.64 21.09
C THR B 169 -19.01 -20.24 22.28
N GLY B 170 -19.75 -19.13 22.13
CA GLY B 170 -20.57 -18.61 23.22
C GLY B 170 -20.82 -17.12 23.10
N PRO B 171 -21.42 -16.54 24.14
CA PRO B 171 -21.70 -15.10 24.11
C PRO B 171 -20.44 -14.28 24.41
N ASN B 172 -20.44 -13.05 23.92
CA ASN B 172 -19.37 -12.12 24.25
C ASN B 172 -19.60 -11.48 25.62
N GLN B 173 -18.52 -11.01 26.23
CA GLN B 173 -18.61 -10.13 27.39
C GLN B 173 -18.34 -8.71 26.91
N TRP B 174 -19.20 -7.76 27.33
CA TRP B 174 -19.07 -6.37 26.92
C TRP B 174 -18.89 -5.50 28.15
N PRO B 175 -17.94 -4.57 28.15
CA PRO B 175 -17.75 -3.71 29.33
C PRO B 175 -18.92 -2.75 29.49
N SER B 176 -19.54 -2.77 30.67
CA SER B 176 -20.77 -2.01 30.89
C SER B 176 -20.54 -0.51 30.93
N SER B 177 -19.30 -0.06 31.12
CA SER B 177 -19.00 1.36 31.17
C SER B 177 -18.78 2.00 29.80
N LEU B 178 -18.65 1.21 28.73
CA LEU B 178 -18.44 1.84 27.43
C LEU B 178 -19.75 1.89 26.66
N PRO B 179 -20.16 3.06 26.18
CA PRO B 179 -21.44 3.14 25.45
C PRO B 179 -21.40 2.33 24.16
N ASP B 180 -22.56 1.75 23.83
CA ASP B 180 -22.68 0.89 22.65
C ASP B 180 -22.17 1.60 21.39
N SER B 181 -22.55 2.86 21.18
CA SER B 181 -22.18 3.56 19.96
C SER B 181 -20.68 3.73 19.80
N GLU B 182 -19.92 3.69 20.90
CA GLU B 182 -18.48 3.90 20.87
C GLU B 182 -17.69 2.61 20.83
N PHE B 183 -18.32 1.46 21.09
CA PHE B 183 -17.55 0.24 21.25
C PHE B 183 -18.21 -0.98 20.59
N ARG B 184 -19.27 -1.52 21.21
CA ARG B 184 -19.81 -2.80 20.76
C ARG B 184 -20.36 -2.73 19.34
N ILE B 185 -21.06 -1.65 19.00
CA ILE B 185 -21.71 -1.56 17.68
C ILE B 185 -20.69 -1.41 16.56
N PRO B 186 -19.74 -0.46 16.62
CA PRO B 186 -18.71 -0.41 15.57
C PRO B 186 -17.88 -1.67 15.49
N LEU B 187 -17.61 -2.34 16.62
CA LEU B 187 -16.82 -3.57 16.54
C LEU B 187 -17.60 -4.69 15.85
N LEU B 188 -18.91 -4.80 16.11
CA LEU B 188 -19.70 -5.83 15.43
C LEU B 188 -19.84 -5.55 13.93
N LYS B 189 -19.94 -4.27 13.54
CA LYS B 189 -19.96 -3.94 12.11
C LYS B 189 -18.62 -4.26 11.47
N TYR B 190 -17.53 -3.92 12.17
CA TYR B 190 -16.20 -4.24 11.68
C TYR B 190 -16.02 -5.75 11.54
N GLN B 191 -16.58 -6.51 12.49
CA GLN B 191 -16.51 -7.95 12.44
C GLN B 191 -17.18 -8.50 11.18
N GLU B 192 -18.34 -7.95 10.81
CA GLU B 192 -18.94 -8.28 9.51
C GLU B 192 -17.95 -8.06 8.36
N LYS B 193 -17.28 -6.91 8.37
CA LYS B 193 -16.35 -6.63 7.27
C LYS B 193 -15.16 -7.60 7.25
N MET B 194 -14.65 -8.00 8.42
CA MET B 194 -13.59 -9.01 8.43
C MET B 194 -14.07 -10.36 7.94
N VAL B 195 -15.29 -10.75 8.30
CA VAL B 195 -15.81 -12.02 7.80
C VAL B 195 -15.88 -12.00 6.28
N GLU B 196 -16.38 -10.90 5.71
CA GLU B 196 -16.45 -10.82 4.24
C GLU B 196 -15.06 -10.82 3.61
N LEU B 197 -14.08 -10.16 4.24
CA LEU B 197 -12.73 -10.15 3.69
C LEU B 197 -12.09 -11.55 3.73
N VAL B 198 -12.22 -12.30 4.83
CA VAL B 198 -11.63 -13.63 4.83
C VAL B 198 -12.38 -14.56 3.86
N LYS B 199 -13.67 -14.32 3.64
CA LYS B 199 -14.36 -15.08 2.59
C LYS B 199 -13.71 -14.84 1.23
N VAL B 200 -13.41 -13.57 0.92
CA VAL B 200 -12.75 -13.28 -0.36
C VAL B 200 -11.36 -13.93 -0.41
N ILE B 201 -10.58 -13.79 0.66
CA ILE B 201 -9.25 -14.38 0.70
C ILE B 201 -9.31 -15.89 0.45
N LEU B 202 -10.28 -16.57 1.06
CA LEU B 202 -10.41 -18.00 0.87
C LEU B 202 -10.78 -18.36 -0.57
N LYS B 203 -11.59 -17.54 -1.23
CA LYS B 203 -11.90 -17.79 -2.64
C LYS B 203 -10.64 -17.69 -3.49
N ILE B 204 -9.84 -16.64 -3.26
CA ILE B 204 -8.60 -16.47 -4.01
C ILE B 204 -7.64 -17.63 -3.74
N LEU B 205 -7.52 -18.01 -2.46
CA LEU B 205 -6.61 -19.09 -2.07
C LEU B 205 -7.03 -20.41 -2.72
N ALA B 206 -8.34 -20.69 -2.75
CA ALA B 206 -8.81 -21.91 -3.40
C ALA B 206 -8.46 -21.91 -4.88
N ARG B 207 -8.52 -20.75 -5.54
CA ARG B 207 -8.08 -20.71 -6.93
C ARG B 207 -6.57 -20.87 -7.08
N GLY B 208 -5.79 -20.67 -6.03
CA GLY B 208 -4.36 -20.80 -6.17
C GLY B 208 -3.74 -22.17 -5.93
N LEU B 209 -4.53 -23.19 -5.65
CA LEU B 209 -4.00 -24.52 -5.33
C LEU B 209 -3.46 -25.22 -6.57
N PRO B 210 -2.62 -26.25 -6.39
CA PRO B 210 -2.11 -27.00 -7.56
C PRO B 210 -3.24 -27.53 -8.43
N LYS B 211 -3.18 -27.22 -9.73
CA LYS B 211 -4.25 -27.60 -10.65
C LYS B 211 -4.41 -29.11 -10.75
N GLU B 212 -3.32 -29.87 -10.63
CA GLU B 212 -3.40 -31.34 -10.65
C GLU B 212 -4.16 -31.91 -9.47
N TRP B 213 -4.40 -31.15 -8.40
CA TRP B 213 -5.28 -31.60 -7.34
C TRP B 213 -6.76 -31.44 -7.70
N ASN B 214 -7.06 -30.60 -8.67
CA ASN B 214 -8.43 -30.42 -9.20
C ASN B 214 -9.41 -30.02 -8.10
N CYS B 215 -8.98 -29.10 -7.26
CA CYS B 215 -9.82 -28.59 -6.18
C CYS B 215 -10.81 -27.57 -6.75
N PRO B 216 -12.07 -27.62 -6.35
CA PRO B 216 -13.04 -26.63 -6.80
C PRO B 216 -12.87 -25.32 -6.03
N PRO B 217 -13.37 -24.21 -6.56
CA PRO B 217 -13.15 -22.90 -5.93
C PRO B 217 -13.92 -22.68 -4.64
N ASP B 218 -14.84 -23.57 -4.30
CA ASP B 218 -15.60 -23.49 -3.06
C ASP B 218 -14.95 -24.22 -1.91
N VAL B 219 -13.74 -24.76 -2.09
CA VAL B 219 -13.25 -25.83 -1.25
C VAL B 219 -13.12 -25.39 0.22
N PHE B 220 -12.88 -24.11 0.48
CA PHE B 220 -12.71 -23.66 1.85
C PHE B 220 -14.00 -23.11 2.46
N ASP B 221 -15.05 -22.93 1.65
CA ASP B 221 -16.18 -22.11 2.07
C ASP B 221 -16.86 -22.66 3.31
N ALA B 222 -16.86 -23.98 3.49
CA ALA B 222 -17.54 -24.57 4.64
C ALA B 222 -16.95 -24.06 5.96
N ALA B 223 -15.68 -23.66 5.95
CA ALA B 223 -15.05 -23.14 7.16
C ALA B 223 -15.68 -21.84 7.66
N THR B 224 -16.36 -21.10 6.78
CA THR B 224 -16.90 -19.79 7.14
C THR B 224 -18.34 -19.81 7.63
N VAL B 225 -18.96 -20.98 7.74
CA VAL B 225 -20.32 -21.08 8.26
C VAL B 225 -20.24 -21.30 9.76
N GLU B 226 -20.93 -20.46 10.53
CA GLU B 226 -20.93 -20.48 12.00
C GLU B 226 -19.51 -20.68 12.54
N PRO B 227 -18.57 -19.81 12.19
CA PRO B 227 -17.17 -20.08 12.51
C PRO B 227 -16.75 -19.53 13.88
N SER B 228 -15.65 -20.09 14.39
CA SER B 228 -14.90 -19.44 15.45
C SER B 228 -14.08 -18.30 14.83
N ILE B 229 -14.36 -17.07 15.24
CA ILE B 229 -13.68 -15.91 14.67
C ILE B 229 -13.24 -14.95 15.77
N PRO B 230 -12.30 -15.33 16.64
CA PRO B 230 -11.85 -14.39 17.68
C PRO B 230 -11.14 -13.18 17.08
N MET B 231 -11.40 -12.01 17.66
CA MET B 231 -10.71 -10.77 17.37
C MET B 231 -10.22 -10.16 18.66
N ARG B 232 -8.98 -9.68 18.66
CA ARG B 232 -8.40 -9.00 19.81
C ARG B 232 -8.19 -7.52 19.53
N LEU B 233 -8.43 -6.72 20.55
CA LEU B 233 -7.95 -5.35 20.64
C LEU B 233 -6.77 -5.39 21.60
N LEU B 234 -5.55 -5.27 21.07
CA LEU B 234 -4.33 -5.45 21.83
C LEU B 234 -3.72 -4.11 22.22
N HIS B 235 -3.25 -4.03 23.47
CA HIS B 235 -2.49 -2.89 23.98
C HIS B 235 -1.17 -3.42 24.53
N TYR B 236 -0.08 -3.02 23.88
CA TYR B 236 1.28 -3.33 24.30
C TYR B 236 1.85 -2.14 25.05
N ALA B 237 2.36 -2.39 26.25
CA ALA B 237 3.08 -1.36 26.99
C ALA B 237 4.41 -1.08 26.32
N PRO B 238 5.01 0.09 26.58
CA PRO B 238 6.35 0.37 26.03
C PRO B 238 7.36 -0.65 26.55
N GLN B 239 8.43 -0.82 25.80
CA GLN B 239 9.50 -1.66 26.30
C GLN B 239 10.11 -1.04 27.55
N SER B 240 10.72 -1.90 28.37
CA SER B 240 11.46 -1.42 29.52
C SER B 240 12.86 -0.96 29.09
N GLU B 241 13.53 -0.27 30.02
CA GLU B 241 14.90 0.16 29.76
C GLU B 241 15.88 -1.01 29.76
N GLU B 242 15.60 -2.05 30.55
CA GLU B 242 16.44 -3.25 30.73
C GLU B 242 17.69 -3.38 29.86
N GLY B 250 5.82 -13.96 21.83
CA GLY B 250 6.98 -14.75 21.49
C GLY B 250 6.81 -15.51 20.19
N ASP B 251 7.88 -16.21 19.82
CA ASP B 251 7.91 -17.03 18.61
C ASP B 251 6.77 -18.05 18.63
N HIS B 252 5.93 -18.04 17.60
CA HIS B 252 4.79 -18.97 17.54
C HIS B 252 4.22 -19.01 16.13
N THR B 253 3.30 -19.96 15.93
CA THR B 253 2.42 -20.01 14.77
C THR B 253 0.98 -19.82 15.20
N ASP B 254 0.17 -19.27 14.31
CA ASP B 254 -1.27 -19.22 14.52
C ASP B 254 -1.86 -20.60 14.26
N PHE B 255 -2.88 -20.95 15.04
CA PHE B 255 -3.45 -22.29 14.96
C PHE B 255 -4.57 -22.43 13.94
N GLY B 256 -5.24 -21.33 13.57
CA GLY B 256 -6.43 -21.38 12.74
C GLY B 256 -6.16 -21.44 11.25
N ASN B 257 -7.07 -20.85 10.47
CA ASN B 257 -6.93 -20.86 9.02
C ASN B 257 -6.30 -19.58 8.49
N VAL B 258 -6.89 -18.42 8.77
CA VAL B 258 -6.38 -17.18 8.17
C VAL B 258 -6.39 -16.10 9.23
N SER B 259 -5.31 -15.34 9.33
CA SER B 259 -5.21 -14.24 10.28
C SER B 259 -5.07 -12.92 9.53
N VAL B 260 -5.76 -11.90 10.05
CA VAL B 260 -5.86 -10.57 9.43
C VAL B 260 -5.48 -9.54 10.48
N LEU B 261 -4.31 -8.92 10.33
CA LEU B 261 -3.77 -8.02 11.34
C LEU B 261 -3.91 -6.57 10.86
N LEU B 262 -4.56 -5.75 11.68
CA LEU B 262 -4.53 -4.29 11.53
C LEU B 262 -3.46 -3.74 12.47
N GLN B 263 -2.45 -3.08 11.88
CA GLN B 263 -1.34 -2.49 12.62
C GLN B 263 -1.55 -0.99 12.82
N GLU B 264 -0.97 -0.48 13.91
CA GLU B 264 -0.91 0.95 14.14
C GLU B 264 0.45 1.48 13.66
N GLU B 265 0.45 2.69 13.13
CA GLU B 265 1.69 3.33 12.68
C GLU B 265 2.70 3.36 13.81
N GLY B 266 3.96 3.15 13.46
CA GLY B 266 5.01 3.06 14.44
C GLY B 266 6.17 2.24 13.90
N THR B 267 7.14 2.01 14.77
CA THR B 267 8.29 1.20 14.38
C THR B 267 7.89 -0.26 14.23
N VAL B 268 8.76 -1.03 13.58
CA VAL B 268 8.48 -2.43 13.28
C VAL B 268 8.19 -3.19 14.56
N GLY B 269 7.08 -3.92 14.57
CA GLY B 269 6.81 -4.83 15.66
C GLY B 269 6.99 -6.26 15.18
N LEU B 270 6.36 -6.56 14.06
CA LEU B 270 6.20 -7.95 13.61
C LEU B 270 7.40 -8.41 12.80
N GLU B 271 7.82 -9.65 13.04
CA GLU B 271 8.86 -10.31 12.27
C GLU B 271 8.38 -11.71 11.94
N VAL B 272 8.75 -12.19 10.76
CA VAL B 272 8.33 -13.49 10.23
C VAL B 272 9.57 -14.34 9.99
N TRP B 273 9.58 -15.56 10.54
CA TRP B 273 10.71 -16.45 10.31
C TRP B 273 10.64 -17.02 8.90
N TYR B 274 11.73 -16.85 8.15
CA TYR B 274 11.86 -17.40 6.81
C TYR B 274 12.92 -18.49 6.84
N PRO B 275 12.52 -19.76 6.78
CA PRO B 275 13.46 -20.89 6.95
C PRO B 275 14.52 -20.96 5.88
N PRO B 276 14.18 -20.81 4.57
CA PRO B 276 15.21 -21.02 3.54
C PRO B 276 16.49 -20.22 3.74
N THR B 277 16.41 -19.00 4.24
CA THR B 277 17.62 -18.24 4.54
C THR B 277 17.82 -18.06 6.04
N GLU B 278 17.02 -18.74 6.87
CA GLU B 278 17.08 -18.62 8.31
C GLU B 278 17.11 -17.16 8.78
N THR B 279 16.12 -16.38 8.36
CA THR B 279 16.14 -14.98 8.75
C THR B 279 14.78 -14.51 9.24
N TRP B 280 14.79 -13.54 10.14
CA TRP B 280 13.57 -12.88 10.60
C TRP B 280 13.31 -11.69 9.68
N ILE B 281 12.22 -11.75 8.92
CA ILE B 281 11.85 -10.68 8.00
C ILE B 281 11.02 -9.66 8.77
N PRO B 282 11.44 -8.40 8.84
CA PRO B 282 10.59 -7.38 9.47
C PRO B 282 9.37 -7.09 8.60
N VAL B 283 8.27 -6.76 9.26
CA VAL B 283 7.01 -6.44 8.60
C VAL B 283 6.60 -5.05 9.07
N PRO B 284 7.18 -3.99 8.51
CA PRO B 284 6.80 -2.64 8.92
C PRO B 284 5.35 -2.33 8.53
N VAL B 285 4.79 -1.30 9.18
CA VAL B 285 3.42 -0.91 8.89
C VAL B 285 3.37 -0.27 7.51
N ILE B 286 2.43 -0.73 6.69
CA ILE B 286 2.17 -0.13 5.38
C ILE B 286 0.75 0.41 5.38
N SER B 287 0.62 1.73 5.19
CA SER B 287 -0.67 2.40 5.12
C SER B 287 -1.67 1.70 4.20
N GLY B 288 -2.91 1.55 4.67
CA GLY B 288 -3.98 0.96 3.88
C GLY B 288 -4.00 -0.56 3.82
N SER B 289 -3.05 -1.23 4.44
CA SER B 289 -2.90 -2.67 4.32
C SER B 289 -3.39 -3.38 5.58
N TYR B 290 -3.69 -4.67 5.40
CA TYR B 290 -3.69 -5.64 6.48
C TYR B 290 -2.50 -6.57 6.29
N VAL B 291 -1.99 -7.13 7.38
CA VAL B 291 -1.01 -8.22 7.29
C VAL B 291 -1.77 -9.54 7.38
N ILE B 292 -1.66 -10.37 6.35
CA ILE B 292 -2.39 -11.63 6.27
C ILE B 292 -1.42 -12.77 6.45
N ASN B 293 -1.81 -13.77 7.23
CA ASN B 293 -0.98 -14.97 7.26
C ASN B 293 -1.83 -16.23 7.41
N MET B 294 -1.26 -17.34 6.97
CA MET B 294 -1.91 -18.64 7.10
C MET B 294 -1.60 -19.23 8.47
N GLY B 295 -2.59 -19.92 9.05
CA GLY B 295 -2.41 -20.63 10.29
C GLY B 295 -2.20 -22.11 10.06
N ASP B 296 -1.87 -22.81 11.17
CA ASP B 296 -1.56 -24.23 11.11
C ASP B 296 -2.67 -25.06 10.47
N MET B 297 -3.93 -24.66 10.66
CA MET B 297 -4.99 -25.51 10.14
C MET B 297 -5.06 -25.39 8.62
N MET B 298 -4.72 -24.21 8.06
CA MET B 298 -4.66 -24.08 6.62
C MET B 298 -3.48 -24.87 6.05
N GLN B 299 -2.35 -24.83 6.75
CA GLN B 299 -1.21 -25.66 6.34
C GLN B 299 -1.59 -27.13 6.32
N LYS B 300 -2.31 -27.59 7.35
CA LYS B 300 -2.73 -28.99 7.41
C LYS B 300 -3.72 -29.33 6.30
N TRP B 301 -4.72 -28.47 6.12
CA TRP B 301 -5.77 -28.68 5.11
C TRP B 301 -5.19 -28.80 3.72
N THR B 302 -4.19 -27.98 3.39
CA THR B 302 -3.59 -27.95 2.07
C THR B 302 -2.37 -28.86 1.97
N ALA B 303 -2.19 -29.80 2.90
CA ALA B 303 -1.08 -30.74 2.88
C ALA B 303 0.27 -30.03 2.78
N GLY B 304 0.37 -28.85 3.38
CA GLY B 304 1.63 -28.13 3.42
C GLY B 304 1.90 -27.22 2.25
N PHE B 305 0.98 -27.13 1.29
CA PHE B 305 1.19 -26.22 0.16
C PHE B 305 1.20 -24.78 0.61
N TYR B 306 0.22 -24.39 1.43
CA TYR B 306 0.22 -23.08 2.05
C TYR B 306 0.90 -23.17 3.41
N ARG B 307 1.84 -22.27 3.66
CA ARG B 307 2.70 -22.36 4.84
C ARG B 307 2.15 -21.57 6.01
N SER B 308 2.25 -22.17 7.20
CA SER B 308 1.97 -21.48 8.47
C SER B 308 3.32 -21.12 9.09
N ALA B 309 3.71 -19.86 8.95
CA ALA B 309 5.05 -19.41 9.31
C ALA B 309 5.13 -19.00 10.78
N ARG B 310 6.28 -19.26 11.39
CA ARG B 310 6.58 -18.73 12.70
C ARG B 310 6.78 -17.21 12.62
N HIS B 311 6.27 -16.51 13.63
CA HIS B 311 6.39 -15.06 13.66
C HIS B 311 6.36 -14.61 15.12
N ARG B 312 6.76 -13.38 15.33
CA ARG B 312 6.82 -12.83 16.68
C ARG B 312 6.68 -11.33 16.56
N VAL B 313 6.17 -10.68 17.60
CA VAL B 313 6.19 -9.22 17.66
C VAL B 313 7.35 -8.80 18.55
N VAL B 314 8.18 -7.92 18.05
CA VAL B 314 9.25 -7.33 18.86
C VAL B 314 8.75 -5.99 19.36
N ASN B 315 9.24 -5.60 20.54
CA ASN B 315 8.80 -4.38 21.21
C ASN B 315 9.93 -3.36 21.19
N HIS B 316 9.92 -2.50 20.19
CA HIS B 316 10.81 -1.34 20.13
C HIS B 316 10.08 -0.06 20.46
N ASN B 317 8.89 -0.16 21.06
CA ASN B 317 8.04 0.99 21.30
C ASN B 317 8.50 1.75 22.54
N LYS B 318 8.54 3.08 22.42
CA LYS B 318 8.79 3.94 23.57
C LYS B 318 7.51 4.42 24.23
N LYS B 319 6.38 4.19 23.59
CA LYS B 319 5.07 4.52 24.10
C LYS B 319 4.15 3.33 23.83
N SER B 320 2.95 3.36 24.40
CA SER B 320 2.01 2.26 24.18
C SER B 320 1.67 2.12 22.71
N ARG B 321 1.50 0.88 22.28
CA ARG B 321 1.19 0.52 20.90
C ARG B 321 -0.04 -0.37 20.87
N TYR B 322 -0.85 -0.26 19.82
CA TYR B 322 -2.09 -1.02 19.72
C TYR B 322 -2.15 -1.80 18.42
N SER B 323 -2.92 -2.89 18.44
CA SER B 323 -3.14 -3.66 17.22
C SER B 323 -4.51 -4.32 17.28
N ALA B 324 -4.97 -4.81 16.13
CA ALA B 324 -6.28 -5.46 16.05
C ALA B 324 -6.18 -6.65 15.10
N PRO B 325 -5.76 -7.81 15.59
CA PRO B 325 -5.83 -9.03 14.78
C PRO B 325 -7.19 -9.72 14.87
N PHE B 326 -7.67 -10.15 13.71
CA PHE B 326 -8.87 -10.96 13.56
C PHE B 326 -8.45 -12.33 13.06
N PHE B 327 -8.95 -13.39 13.69
CA PHE B 327 -8.53 -14.75 13.36
C PHE B 327 -9.72 -15.53 12.83
N LEU B 328 -9.63 -16.02 11.59
CA LEU B 328 -10.52 -17.09 11.13
C LEU B 328 -9.94 -18.43 11.54
N ASN B 329 -10.52 -18.99 12.61
CA ASN B 329 -10.30 -20.40 12.93
C ASN B 329 -11.17 -21.28 12.05
N GLY B 330 -12.45 -20.94 11.91
CA GLY B 330 -13.38 -21.69 11.12
C GLY B 330 -14.40 -22.42 11.99
N ASN B 331 -15.35 -23.06 11.32
CA ASN B 331 -16.33 -23.91 11.99
C ASN B 331 -15.62 -25.03 12.75
N ILE B 332 -15.86 -25.13 14.06
CA ILE B 332 -15.08 -26.03 14.89
C ILE B 332 -15.42 -27.50 14.66
N ASP B 333 -16.55 -27.80 14.01
CA ASP B 333 -16.95 -29.17 13.79
C ASP B 333 -16.66 -29.65 12.36
N LEU B 334 -16.15 -28.79 11.49
CA LEU B 334 -15.93 -29.16 10.10
C LEU B 334 -14.77 -30.13 9.97
N LYS B 335 -15.01 -31.23 9.25
CA LYS B 335 -13.98 -32.22 8.94
C LYS B 335 -13.35 -31.89 7.59
N CYS B 336 -12.06 -31.57 7.61
CA CYS B 336 -11.30 -31.13 6.46
C CYS B 336 -10.46 -32.27 5.92
N LYS B 337 -10.49 -32.45 4.60
CA LYS B 337 -9.75 -33.51 3.94
C LYS B 337 -8.58 -32.90 3.19
N ALA B 338 -7.38 -33.41 3.45
CA ALA B 338 -6.15 -32.95 2.79
C ALA B 338 -6.35 -32.86 1.28
N LEU B 339 -6.15 -31.66 0.73
CA LEU B 339 -6.53 -31.37 -0.64
C LEU B 339 -5.67 -32.07 -1.69
N ASP B 340 -4.59 -32.73 -1.28
CA ASP B 340 -3.79 -33.56 -2.18
C ASP B 340 -4.32 -34.99 -2.28
N GLY B 341 -5.50 -35.25 -1.73
CA GLY B 341 -6.09 -36.57 -1.84
C GLY B 341 -5.40 -37.65 -1.04
N SER B 342 -4.59 -37.29 -0.05
CA SER B 342 -3.91 -38.30 0.75
C SER B 342 -4.81 -38.92 1.81
N GLY B 343 -6.08 -38.51 1.90
CA GLY B 343 -7.04 -39.16 2.76
C GLY B 343 -7.02 -38.75 4.21
N VAL B 344 -6.16 -37.81 4.61
CA VAL B 344 -6.07 -37.38 6.01
C VAL B 344 -7.27 -36.50 6.35
N GLU B 345 -7.90 -36.78 7.48
CA GLU B 345 -9.08 -36.05 7.95
C GLU B 345 -8.78 -35.34 9.26
N THR B 346 -9.09 -34.05 9.32
CA THR B 346 -8.81 -33.22 10.49
C THR B 346 -10.05 -32.41 10.85
N VAL B 347 -10.47 -32.45 12.12
CA VAL B 347 -11.56 -31.60 12.59
C VAL B 347 -10.95 -30.31 13.13
N ILE B 348 -11.43 -29.18 12.62
CA ILE B 348 -10.80 -27.89 12.93
C ILE B 348 -10.67 -27.70 14.43
N GLY B 349 -11.76 -27.89 15.17
CA GLY B 349 -11.73 -27.65 16.61
C GLY B 349 -10.79 -28.60 17.35
N GLU B 350 -10.80 -29.88 17.00
CA GLU B 350 -9.86 -30.81 17.60
C GLU B 350 -8.43 -30.41 17.29
N HIS B 351 -8.17 -29.98 16.07
CA HIS B 351 -6.82 -29.53 15.69
C HIS B 351 -6.39 -28.35 16.56
N ILE B 352 -7.27 -27.37 16.73
CA ILE B 352 -6.89 -26.16 17.46
C ILE B 352 -6.67 -26.49 18.94
N ARG B 353 -7.55 -27.31 19.52
CA ARG B 353 -7.38 -27.73 20.92
C ARG B 353 -6.11 -28.53 21.11
N GLN B 354 -5.81 -29.41 20.15
CA GLN B 354 -4.61 -30.22 20.25
C GLN B 354 -3.37 -29.33 20.16
N ARG B 355 -3.39 -28.32 19.27
CA ARG B 355 -2.29 -27.37 19.16
C ARG B 355 -2.13 -26.58 20.45
N LEU B 356 -3.24 -26.26 21.12
CA LEU B 356 -3.16 -25.60 22.41
C LEU B 356 -2.46 -26.48 23.44
N PHE B 357 -2.82 -27.77 23.49
CA PHE B 357 -2.18 -28.68 24.43
C PHE B 357 -0.70 -28.86 24.12
N GLU B 358 -0.34 -28.95 22.83
CA GLU B 358 1.05 -29.14 22.46
C GLU B 358 1.90 -27.95 22.91
N THR B 359 1.32 -26.76 22.95
CA THR B 359 2.03 -25.61 23.45
C THR B 359 1.70 -25.50 24.94
#